data_8V8G
#
_entry.id   8V8G
#
_cell.length_a   53.538
_cell.length_b   62.479
_cell.length_c   58.091
_cell.angle_alpha   90.00
_cell.angle_beta   100.38
_cell.angle_gamma   90.00
#
_symmetry.space_group_name_H-M   'P 1 21 1'
#
loop_
_entity.id
_entity.type
_entity.pdbx_description
1 polymer '3C-like proteinase nsp5'
2 non-polymer 6-[(6-chloranyl-2-methyl-indazol-5-yl)amino]-3-[(1-methyl-1,2,4-triazol-3-yl)methyl]-1-[[2,4,5-tris(fluoranyl)phenyl]methyl]-1,3,5-triazine-2,4-dione
3 water water
#
_entity_poly.entity_id   1
_entity_poly.type   'polypeptide(L)'
_entity_poly.pdbx_seq_one_letter_code
;GSGFRKMAFPSGKVEGCMVQVTCGTTTLNGLWLDDVVYCPRHVICTSEDMLNPNYEDLLIRKSNHNFLVQAGNVQLRVIG
HSMQNCVLKLKVDTANPKTPKYKFVRIQPGQTFSVLACYNGSPSGVYQCAMRPNFTIKGSFLNGSCGSVGFNIDYDCVSF
CYMHHMELPTGVHAGTDLEGNFYGPFVDRQTAQAAGT
;
_entity_poly.pdbx_strand_id   A,B
#
# COMPACT_ATOMS: atom_id res chain seq x y z
N MET A 7 -2.33 26.88 -13.07
CA MET A 7 -1.09 27.65 -13.15
C MET A 7 0.15 26.92 -12.65
N ALA A 8 0.44 25.68 -13.06
CA ALA A 8 1.58 25.07 -12.39
C ALA A 8 2.88 25.59 -13.00
N PHE A 9 3.91 25.68 -12.16
CA PHE A 9 5.21 26.11 -12.60
C PHE A 9 5.87 25.01 -13.43
N PRO A 10 6.68 25.37 -14.42
CA PRO A 10 7.46 24.34 -15.13
C PRO A 10 8.31 23.59 -14.12
N SER A 11 8.45 22.29 -14.31
CA SER A 11 9.01 21.43 -13.26
C SER A 11 10.44 21.01 -13.54
N GLY A 12 11.02 21.48 -14.66
CA GLY A 12 12.33 21.01 -15.08
C GLY A 12 13.43 21.12 -14.03
N LYS A 13 13.49 22.24 -13.31
CA LYS A 13 14.53 22.42 -12.31
C LYS A 13 14.39 21.47 -11.12
N VAL A 14 13.19 20.99 -10.84
CA VAL A 14 12.99 20.10 -9.69
C VAL A 14 13.13 18.64 -10.09
N GLU A 15 12.73 18.30 -11.32
CA GLU A 15 12.86 16.93 -11.81
C GLU A 15 14.27 16.40 -11.62
N GLY A 16 15.27 17.24 -11.86
CA GLY A 16 16.65 16.81 -11.73
C GLY A 16 17.12 16.59 -10.31
N CYS A 17 16.26 16.85 -9.34
CA CYS A 17 16.61 16.72 -7.93
C CYS A 17 16.00 15.50 -7.28
N MET A 18 15.15 14.77 -7.98
CA MET A 18 14.42 13.71 -7.29
C MET A 18 15.16 12.40 -7.35
N VAL A 19 15.19 11.70 -6.21
CA VAL A 19 15.86 10.41 -6.09
C VAL A 19 14.94 9.40 -5.37
N GLN A 20 15.32 8.15 -5.45
CA GLN A 20 14.64 7.08 -4.73
C GLN A 20 15.48 6.75 -3.49
N VAL A 21 14.83 6.61 -2.33
CA VAL A 21 15.52 6.27 -1.10
C VAL A 21 14.94 4.97 -0.56
N THR A 22 15.79 3.98 -0.26
CA THR A 22 15.31 2.71 0.23
C THR A 22 16.06 2.38 1.53
N CYS A 23 15.33 1.98 2.55
CA CYS A 23 15.97 1.52 3.78
C CYS A 23 15.33 0.16 4.07
N GLY A 24 16.12 -0.91 3.95
CA GLY A 24 15.54 -2.24 3.95
C GLY A 24 14.64 -2.49 2.76
N THR A 25 13.34 -2.68 2.98
CA THR A 25 12.40 -2.75 1.86
C THR A 25 11.43 -1.59 1.81
N THR A 26 11.53 -0.63 2.72
CA THR A 26 10.71 0.56 2.70
C THR A 26 11.30 1.56 1.72
N THR A 27 10.47 2.10 0.82
CA THR A 27 10.97 2.97 -0.24
C THR A 27 10.08 4.20 -0.42
N LEU A 28 10.70 5.33 -0.74
CA LEU A 28 9.96 6.55 -0.99
C LEU A 28 10.89 7.49 -1.76
N ASN A 29 10.48 8.74 -1.90
CA ASN A 29 11.19 9.70 -2.73
C ASN A 29 12.03 10.63 -1.87
N GLY A 30 13.16 11.07 -2.41
CA GLY A 30 14.03 11.99 -1.71
C GLY A 30 14.35 13.17 -2.62
N LEU A 31 14.80 14.25 -1.99
CA LEU A 31 15.17 15.49 -2.68
C LEU A 31 16.67 15.67 -2.56
N TRP A 32 17.39 15.69 -3.69
CA TRP A 32 18.85 15.71 -3.70
C TRP A 32 19.32 17.11 -4.08
N LEU A 33 19.88 17.82 -3.11
CA LEU A 33 20.36 19.17 -3.31
C LEU A 33 21.78 19.25 -2.78
N ASP A 34 22.69 19.77 -3.61
CA ASP A 34 24.11 19.76 -3.27
C ASP A 34 24.45 18.32 -2.91
N ASP A 35 25.07 18.06 -1.78
CA ASP A 35 25.43 16.72 -1.40
C ASP A 35 24.57 16.19 -0.26
N VAL A 36 23.31 16.62 -0.19
CA VAL A 36 22.40 16.15 0.85
C VAL A 36 21.14 15.64 0.19
N VAL A 37 20.62 14.52 0.69
CA VAL A 37 19.31 14.02 0.28
C VAL A 37 18.38 14.19 1.46
N TYR A 38 17.23 14.86 1.23
CA TYR A 38 16.19 15.05 2.23
C TYR A 38 15.06 14.09 1.94
N CYS A 39 14.56 13.42 2.95
CA CYS A 39 13.40 12.55 2.73
C CYS A 39 12.65 12.40 4.04
N PRO A 40 11.41 11.90 3.99
CA PRO A 40 10.67 11.70 5.24
C PRO A 40 11.35 10.66 6.13
N ARG A 41 11.43 10.94 7.44
CA ARG A 41 12.11 9.98 8.31
C ARG A 41 11.36 8.65 8.39
N HIS A 42 10.10 8.62 7.96
CA HIS A 42 9.32 7.39 7.96
C HIS A 42 10.01 6.27 7.23
N VAL A 43 10.94 6.57 6.32
CA VAL A 43 11.63 5.52 5.56
C VAL A 43 12.37 4.53 6.47
N ILE A 44 12.69 4.89 7.71
CA ILE A 44 13.48 3.94 8.51
C ILE A 44 12.57 2.96 9.24
N CYS A 45 11.27 3.01 8.97
CA CYS A 45 10.32 2.08 9.58
C CYS A 45 10.24 0.81 8.73
N THR A 46 10.37 -0.34 9.38
CA THR A 46 9.84 -1.56 8.77
C THR A 46 8.31 -1.52 8.86
N SER A 47 7.64 -2.43 8.15
CA SER A 47 6.18 -2.39 8.12
C SER A 47 5.61 -2.46 9.53
N GLU A 48 6.23 -3.23 10.42
CA GLU A 48 5.68 -3.36 11.76
C GLU A 48 5.92 -2.12 12.62
N ASP A 49 6.95 -1.31 12.32
CA ASP A 49 7.19 -0.07 13.06
C ASP A 49 6.25 1.06 12.65
N MET A 50 5.65 0.97 11.46
CA MET A 50 4.93 2.10 10.87
C MET A 50 3.78 2.62 11.74
N LEU A 51 3.14 1.75 12.51
CA LEU A 51 1.95 2.16 13.25
C LEU A 51 2.30 3.04 14.44
N ASN A 52 3.31 2.65 15.21
CA ASN A 52 3.75 3.45 16.35
C ASN A 52 5.28 3.42 16.45
N PRO A 53 5.97 4.19 15.59
CA PRO A 53 7.44 4.17 15.61
C PRO A 53 8.03 4.93 16.79
N ASN A 54 9.08 4.39 17.38
CA ASN A 54 10.02 5.14 18.24
C ASN A 54 11.20 5.54 17.36
N TYR A 55 11.19 6.78 16.88
CA TYR A 55 12.17 7.16 15.86
C TYR A 55 13.59 7.27 16.42
N GLU A 56 13.75 7.68 17.70
CA GLU A 56 15.09 7.74 18.26
C GLU A 56 15.73 6.37 18.30
N ASP A 57 14.94 5.36 18.68
CA ASP A 57 15.45 3.99 18.72
C ASP A 57 15.78 3.47 17.33
N LEU A 58 14.89 3.69 16.36
CA LEU A 58 15.16 3.22 15.00
C LEU A 58 16.42 3.86 14.43
N LEU A 59 16.62 5.16 14.70
CA LEU A 59 17.81 5.87 14.23
C LEU A 59 19.10 5.25 14.74
N ILE A 60 19.18 4.94 16.04
CA ILE A 60 20.34 4.29 16.64
C ILE A 60 20.69 3.01 15.89
N ARG A 61 19.66 2.26 15.46
CA ARG A 61 19.91 0.95 14.87
C ARG A 61 20.36 0.98 13.41
N LYS A 62 20.24 2.10 12.72
CA LYS A 62 20.64 2.14 11.31
C LYS A 62 22.06 2.67 11.15
N SER A 63 22.74 2.18 10.13
CA SER A 63 24.05 2.65 9.72
C SER A 63 23.94 3.20 8.31
N ASN A 64 24.98 3.94 7.90
CA ASN A 64 24.97 4.54 6.56
C ASN A 64 24.69 3.50 5.48
N HIS A 65 25.23 2.29 5.63
CA HIS A 65 25.10 1.29 4.58
C HIS A 65 23.73 0.65 4.54
N ASN A 66 22.83 0.99 5.47
CA ASN A 66 21.46 0.48 5.36
C ASN A 66 20.59 1.33 4.42
N PHE A 67 21.07 2.48 3.99
CA PHE A 67 20.34 3.34 3.06
C PHE A 67 20.82 3.08 1.64
N LEU A 68 19.90 2.85 0.72
CA LEU A 68 20.20 2.75 -0.70
C LEU A 68 19.58 3.96 -1.39
N VAL A 69 20.40 4.83 -1.98
CA VAL A 69 19.92 6.03 -2.66
C VAL A 69 20.23 5.85 -4.14
N GLN A 70 19.22 6.02 -4.99
CA GLN A 70 19.36 5.84 -6.43
C GLN A 70 18.88 7.07 -7.14
N ALA A 71 19.76 7.68 -7.93
CA ALA A 71 19.41 8.73 -8.87
C ALA A 71 19.33 8.03 -10.22
N GLY A 72 18.13 7.72 -10.67
CA GLY A 72 17.99 6.95 -11.90
C GLY A 72 18.59 5.58 -11.73
N ASN A 73 19.55 5.23 -12.59
CA ASN A 73 20.23 3.94 -12.48
C ASN A 73 21.54 4.03 -11.71
N VAL A 74 21.82 5.16 -11.05
CA VAL A 74 23.09 5.39 -10.38
C VAL A 74 22.86 5.35 -8.88
N GLN A 75 23.57 4.47 -8.19
CA GLN A 75 23.56 4.43 -6.73
C GLN A 75 24.51 5.46 -6.17
N LEU A 76 24.05 6.23 -5.19
CA LEU A 76 24.88 7.21 -4.49
C LEU A 76 25.30 6.66 -3.13
N ARG A 77 26.54 6.87 -2.75
CA ARG A 77 27.05 6.35 -1.49
C ARG A 77 26.65 7.29 -0.33
N VAL A 78 25.98 6.74 0.69
CA VAL A 78 25.62 7.51 1.90
C VAL A 78 26.80 7.48 2.86
N ILE A 79 27.26 8.65 3.27
CA ILE A 79 28.44 8.78 4.12
C ILE A 79 28.14 9.48 5.45
N GLY A 80 26.87 9.80 5.72
CA GLY A 80 26.45 10.40 6.96
C GLY A 80 24.93 10.49 6.97
N HIS A 81 24.31 10.48 8.15
CA HIS A 81 22.86 10.70 8.21
C HIS A 81 22.49 11.34 9.54
N SER A 82 21.43 12.13 9.53
CA SER A 82 21.01 12.77 10.77
C SER A 82 19.54 13.08 10.64
N MET A 83 18.89 13.32 11.77
CA MET A 83 17.41 13.53 11.74
C MET A 83 17.10 14.95 12.21
N GLN A 84 16.28 15.66 11.46
CA GLN A 84 15.89 17.01 11.84
C GLN A 84 14.37 17.00 11.84
N ASN A 85 13.79 17.05 13.04
CA ASN A 85 12.33 16.96 13.17
C ASN A 85 11.84 15.74 12.40
N CYS A 86 10.96 15.89 11.40
CA CYS A 86 10.41 14.73 10.71
C CYS A 86 11.11 14.43 9.38
N VAL A 87 12.26 15.04 9.12
CA VAL A 87 12.98 14.73 7.89
CA VAL A 87 13.01 14.83 7.89
C VAL A 87 14.33 14.15 8.27
N LEU A 88 14.77 13.23 7.42
CA LEU A 88 16.08 12.63 7.52
C LEU A 88 16.97 13.34 6.50
N LYS A 89 18.22 13.60 6.87
CA LYS A 89 19.17 14.22 5.94
C LYS A 89 20.30 13.24 5.71
N LEU A 90 20.44 12.75 4.48
CA LEU A 90 21.48 11.80 4.13
C LEU A 90 22.57 12.54 3.40
N LYS A 91 23.79 12.44 3.91
CA LYS A 91 24.93 13.08 3.29
C LYS A 91 25.52 12.07 2.31
N VAL A 92 25.67 12.45 1.05
CA VAL A 92 26.10 11.50 0.03
C VAL A 92 27.44 11.97 -0.49
N ASP A 93 28.15 11.10 -1.19
CA ASP A 93 29.52 11.48 -1.54
C ASP A 93 29.61 12.28 -2.83
N THR A 94 28.47 12.63 -3.44
CA THR A 94 28.38 13.27 -4.74
C THR A 94 27.42 14.43 -4.68
N ALA A 95 27.84 15.60 -5.17
CA ALA A 95 26.96 16.76 -5.21
C ALA A 95 26.14 16.67 -6.48
N ASN A 96 24.88 17.04 -6.38
CA ASN A 96 23.97 17.00 -7.52
C ASN A 96 24.37 18.07 -8.54
N PRO A 97 24.83 17.70 -9.73
CA PRO A 97 25.20 18.73 -10.71
C PRO A 97 24.03 19.53 -11.22
N LYS A 98 22.80 19.05 -11.07
CA LYS A 98 21.65 19.85 -11.48
C LYS A 98 21.00 20.60 -10.33
N THR A 99 21.71 20.82 -9.22
CA THR A 99 21.18 21.62 -8.12
C THR A 99 20.88 23.03 -8.62
N PRO A 100 19.64 23.51 -8.50
CA PRO A 100 19.32 24.88 -8.90
C PRO A 100 19.57 25.80 -7.71
N LYS A 101 19.47 27.10 -7.96
CA LYS A 101 19.43 27.99 -6.81
C LYS A 101 18.11 27.78 -6.07
N TYR A 102 18.17 27.69 -4.75
CA TYR A 102 16.97 27.28 -4.03
C TYR A 102 16.94 27.89 -2.65
N LYS A 103 15.74 27.97 -2.08
CA LYS A 103 15.63 28.23 -0.65
C LYS A 103 14.55 27.34 -0.11
N PHE A 104 14.51 27.22 1.22
CA PHE A 104 13.42 26.56 1.94
C PHE A 104 12.55 27.63 2.56
N VAL A 105 11.22 27.52 2.40
CA VAL A 105 10.30 28.51 2.94
C VAL A 105 9.12 27.77 3.51
N ARG A 106 8.47 28.41 4.50
CA ARG A 106 7.31 27.84 5.16
C ARG A 106 6.12 28.68 4.73
N ILE A 107 5.14 28.05 4.10
CA ILE A 107 4.02 28.82 3.59
C ILE A 107 2.88 28.82 4.61
N GLN A 108 1.84 29.57 4.28
CA GLN A 108 0.72 29.83 5.15
C GLN A 108 -0.55 29.35 4.47
N PRO A 109 -1.62 29.08 5.22
CA PRO A 109 -2.90 28.77 4.58
C PRO A 109 -3.33 29.86 3.58
N GLY A 110 -3.91 29.43 2.49
CA GLY A 110 -4.27 30.34 1.43
C GLY A 110 -3.26 30.44 0.33
N GLN A 111 -2.00 30.13 0.59
CA GLN A 111 -1.01 30.18 -0.47
C GLN A 111 -1.09 28.94 -1.35
N THR A 112 -0.76 29.14 -2.62
CA THR A 112 -0.71 28.05 -3.58
C THR A 112 0.75 27.68 -3.88
N PHE A 113 0.92 26.46 -4.38
CA PHE A 113 2.24 26.01 -4.80
C PHE A 113 2.06 24.90 -5.82
N SER A 114 3.12 24.65 -6.58
CA SER A 114 3.15 23.48 -7.45
C SER A 114 3.73 22.26 -6.73
N VAL A 115 3.21 21.10 -7.09
CA VAL A 115 3.64 19.83 -6.57
C VAL A 115 4.10 18.96 -7.73
N LEU A 116 5.28 18.35 -7.58
CA LEU A 116 5.79 17.36 -8.52
C LEU A 116 5.57 16.00 -7.88
N ALA A 117 4.51 15.31 -8.29
CA ALA A 117 4.25 13.96 -7.80
C ALA A 117 5.24 12.98 -8.43
N CYS A 118 5.89 12.19 -7.59
CA CYS A 118 6.90 11.23 -8.01
C CYS A 118 6.54 9.86 -7.45
N TYR A 119 6.97 8.81 -8.15
CA TYR A 119 6.77 7.42 -7.70
C TYR A 119 8.09 6.71 -7.90
N ASN A 120 8.62 6.10 -6.82
CA ASN A 120 9.91 5.39 -6.87
C ASN A 120 11.01 6.26 -7.45
N GLY A 121 11.03 7.53 -7.05
CA GLY A 121 12.05 8.47 -7.49
C GLY A 121 11.86 9.06 -8.85
N SER A 122 10.77 8.75 -9.56
CA SER A 122 10.66 9.26 -10.90
C SER A 122 9.46 10.19 -11.06
N PRO A 123 9.67 11.37 -11.62
CA PRO A 123 8.61 12.37 -11.72
C PRO A 123 7.44 11.83 -12.54
N SER A 124 6.23 12.15 -12.09
CA SER A 124 5.05 11.58 -12.73
C SER A 124 4.06 12.63 -13.20
N GLY A 125 3.85 13.69 -12.42
CA GLY A 125 2.98 14.78 -12.85
C GLY A 125 3.24 16.02 -12.03
N VAL A 126 2.77 17.15 -12.54
CA VAL A 126 2.90 18.41 -11.83
CA VAL A 126 2.90 18.44 -11.85
C VAL A 126 1.54 19.07 -11.77
N TYR A 127 1.22 19.67 -10.64
CA TYR A 127 -0.08 20.30 -10.54
C TYR A 127 -0.06 21.30 -9.41
N GLN A 128 -1.08 22.15 -9.40
CA GLN A 128 -1.15 23.26 -8.44
C GLN A 128 -2.08 22.88 -7.29
N CYS A 129 -1.65 23.24 -6.09
CA CYS A 129 -2.41 23.00 -4.89
CA CYS A 129 -2.54 23.05 -4.97
C CYS A 129 -2.49 24.30 -4.09
N ALA A 130 -3.44 24.34 -3.14
CA ALA A 130 -3.55 25.41 -2.17
C ALA A 130 -3.60 24.79 -0.79
N MET A 131 -2.94 25.42 0.17
CA MET A 131 -3.02 25.01 1.56
CA MET A 131 -3.04 24.97 1.54
C MET A 131 -4.33 25.48 2.17
N ARG A 132 -5.11 24.56 2.71
CA ARG A 132 -6.39 24.88 3.34
C ARG A 132 -6.15 25.42 4.75
N PRO A 133 -7.15 26.09 5.34
CA PRO A 133 -6.95 26.66 6.68
C PRO A 133 -6.70 25.63 7.77
N ASN A 134 -7.08 24.37 7.59
CA ASN A 134 -6.69 23.33 8.56
C ASN A 134 -5.35 22.69 8.20
N PHE A 135 -4.55 23.33 7.36
CA PHE A 135 -3.21 22.88 6.99
C PHE A 135 -3.20 21.57 6.22
N THR A 136 -4.32 21.16 5.61
CA THR A 136 -4.27 20.03 4.68
C THR A 136 -4.32 20.57 3.27
N ILE A 137 -3.99 19.70 2.32
CA ILE A 137 -4.05 20.05 0.91
C ILE A 137 -4.81 18.93 0.21
N LYS A 138 -5.56 19.29 -0.81
CA LYS A 138 -6.32 18.33 -1.61
C LYS A 138 -5.40 18.08 -2.81
N GLY A 139 -4.50 17.12 -2.67
CA GLY A 139 -3.57 16.80 -3.72
C GLY A 139 -4.08 15.66 -4.59
N SER A 140 -3.25 15.29 -5.55
CA SER A 140 -3.51 14.15 -6.41
C SER A 140 -2.36 13.14 -6.22
N PHE A 141 -2.36 12.49 -5.08
CA PHE A 141 -1.26 11.62 -4.69
C PHE A 141 -1.77 10.20 -4.58
N LEU A 142 -0.99 9.29 -5.11
CA LEU A 142 -1.26 7.86 -5.00
C LEU A 142 -0.23 7.26 -4.07
N ASN A 143 -0.33 5.95 -3.86
CA ASN A 143 0.65 5.25 -3.04
C ASN A 143 2.01 5.32 -3.73
N GLY A 144 3.09 5.40 -2.92
CA GLY A 144 4.43 5.59 -3.44
C GLY A 144 4.85 7.03 -3.63
N SER A 145 3.98 7.99 -3.29
CA SER A 145 4.27 9.41 -3.53
C SER A 145 4.94 10.09 -2.34
N CYS A 146 5.08 9.38 -1.22
CA CYS A 146 5.72 9.93 -0.03
C CYS A 146 7.07 10.53 -0.41
N GLY A 147 7.33 11.76 0.08
CA GLY A 147 8.57 12.46 -0.25
C GLY A 147 8.48 13.38 -1.47
N SER A 148 7.37 13.35 -2.21
CA SER A 148 7.18 14.31 -3.30
C SER A 148 7.16 15.72 -2.72
N VAL A 149 7.55 16.71 -3.53
CA VAL A 149 7.80 18.03 -2.98
C VAL A 149 6.93 19.05 -3.68
N GLY A 150 6.63 20.12 -2.94
CA GLY A 150 5.93 21.28 -3.46
C GLY A 150 6.87 22.47 -3.50
N PHE A 151 6.67 23.35 -4.48
CA PHE A 151 7.60 24.46 -4.67
C PHE A 151 6.88 25.61 -5.36
N ASN A 152 7.53 26.79 -5.34
CA ASN A 152 7.19 27.91 -6.22
C ASN A 152 8.49 28.34 -6.89
N ILE A 153 8.38 29.04 -8.01
CA ILE A 153 9.56 29.57 -8.71
C ILE A 153 9.56 31.08 -8.57
N ASP A 154 10.66 31.63 -8.08
CA ASP A 154 10.84 33.04 -7.71
C ASP A 154 11.95 33.57 -8.60
N TYR A 155 11.59 33.94 -9.84
CA TYR A 155 12.58 34.24 -10.88
C TYR A 155 13.37 33.01 -11.25
N ASP A 156 14.63 32.98 -10.86
CA ASP A 156 15.55 31.88 -11.10
C ASP A 156 15.67 30.95 -9.92
N CYS A 157 14.91 31.20 -8.87
CA CYS A 157 15.10 30.58 -7.58
C CYS A 157 13.92 29.69 -7.26
N VAL A 158 14.21 28.45 -6.88
CA VAL A 158 13.16 27.49 -6.53
C VAL A 158 12.97 27.58 -5.03
N SER A 159 11.76 27.93 -4.60
CA SER A 159 11.42 27.93 -3.17
C SER A 159 10.72 26.62 -2.83
N PHE A 160 11.39 25.75 -2.08
CA PHE A 160 10.76 24.51 -1.67
C PHE A 160 9.95 24.77 -0.42
N CYS A 161 8.67 24.35 -0.41
CA CYS A 161 7.83 24.66 0.73
C CYS A 161 7.09 23.48 1.34
N TYR A 162 7.12 22.31 0.72
CA TYR A 162 6.25 21.19 1.12
C TYR A 162 6.94 19.89 0.77
N MET A 163 6.99 19.00 1.73
CA MET A 163 7.38 17.61 1.51
C MET A 163 6.20 16.74 1.89
N HIS A 164 5.76 15.89 0.97
CA HIS A 164 4.55 15.10 1.18
C HIS A 164 4.83 13.90 2.09
N HIS A 165 4.00 13.70 3.13
CA HIS A 165 4.16 12.52 3.99
C HIS A 165 2.98 11.55 3.88
N MET A 166 1.75 12.00 4.09
CA MET A 166 0.68 11.05 4.33
C MET A 166 -0.64 11.52 3.77
N GLU A 167 -1.47 10.53 3.42
CA GLU A 167 -2.88 10.81 3.11
C GLU A 167 -3.71 10.48 4.34
N LEU A 168 -4.65 11.36 4.68
CA LEU A 168 -5.49 11.22 5.86
C LEU A 168 -6.76 10.46 5.50
N PRO A 169 -7.52 9.97 6.51
CA PRO A 169 -8.73 9.20 6.18
C PRO A 169 -9.71 9.89 5.24
N THR A 170 -9.88 11.21 5.35
CA THR A 170 -10.82 11.89 4.46
C THR A 170 -10.26 12.12 3.06
N GLY A 171 -9.06 11.63 2.77
CA GLY A 171 -8.55 11.75 1.41
C GLY A 171 -7.77 13.01 1.11
N VAL A 172 -7.53 13.86 2.10
CA VAL A 172 -6.64 15.00 1.92
C VAL A 172 -5.26 14.65 2.47
N HIS A 173 -4.32 15.56 2.26
CA HIS A 173 -2.91 15.22 2.39
C HIS A 173 -2.23 16.15 3.37
N ALA A 174 -1.19 15.62 4.02
CA ALA A 174 -0.45 16.37 5.03
C ALA A 174 1.05 16.11 4.87
N GLY A 175 1.82 17.12 5.24
CA GLY A 175 3.27 17.00 5.14
C GLY A 175 3.95 18.08 5.93
N THR A 176 5.24 18.23 5.65
CA THR A 176 6.14 19.10 6.42
C THR A 176 6.76 20.15 5.52
N ASP A 177 7.35 21.17 6.12
CA ASP A 177 8.26 22.01 5.36
C ASP A 177 9.58 21.27 5.20
N LEU A 178 10.58 21.91 4.59
CA LEU A 178 11.83 21.19 4.34
C LEU A 178 12.76 21.18 5.57
N GLU A 179 12.36 21.78 6.68
CA GLU A 179 13.03 21.55 7.94
C GLU A 179 12.37 20.47 8.79
N GLY A 180 11.35 19.80 8.26
CA GLY A 180 10.80 18.64 8.95
C GLY A 180 9.67 18.93 9.91
N ASN A 181 9.12 20.15 9.89
CA ASN A 181 8.04 20.55 10.80
C ASN A 181 6.72 20.41 10.08
N PHE A 182 5.80 19.67 10.66
CA PHE A 182 4.51 19.51 9.99
C PHE A 182 3.81 20.84 9.85
N TYR A 183 3.04 20.95 8.78
CA TYR A 183 1.97 21.91 8.68
C TYR A 183 0.77 21.27 9.35
N GLY A 184 0.28 21.90 10.40
CA GLY A 184 -0.85 21.34 11.10
C GLY A 184 -0.49 20.42 12.24
N PRO A 185 -1.50 19.96 12.98
CA PRO A 185 -1.26 19.16 14.19
C PRO A 185 -1.15 17.65 13.92
N PHE A 186 -0.27 17.27 13.01
CA PHE A 186 -0.16 15.87 12.63
C PHE A 186 1.15 15.26 13.09
N VAL A 187 1.20 13.94 13.12
CA VAL A 187 2.41 13.20 13.48
C VAL A 187 2.64 12.12 12.43
N ASP A 188 3.91 11.77 12.21
CA ASP A 188 4.23 10.87 11.09
C ASP A 188 4.19 9.43 11.56
N ARG A 189 2.97 8.91 11.65
CA ARG A 189 2.70 7.55 12.08
C ARG A 189 1.44 7.09 11.36
N GLN A 190 1.36 5.77 11.15
CA GLN A 190 0.27 5.14 10.39
C GLN A 190 -0.89 4.86 11.34
N THR A 191 -1.69 5.89 11.59
CA THR A 191 -2.87 5.74 12.43
C THR A 191 -4.02 6.60 11.91
N MET B 7 -18.72 -23.85 16.98
CA MET B 7 -17.34 -23.89 17.47
C MET B 7 -16.33 -23.98 16.33
N ALA B 8 -15.40 -23.02 16.26
CA ALA B 8 -14.57 -22.90 15.09
C ALA B 8 -13.37 -23.83 15.18
N PHE B 9 -12.80 -24.15 14.03
CA PHE B 9 -11.55 -24.89 14.01
C PHE B 9 -10.40 -23.99 14.48
N PRO B 10 -9.34 -24.59 15.04
CA PRO B 10 -8.12 -23.83 15.32
C PRO B 10 -7.54 -23.27 14.02
N SER B 11 -7.09 -22.03 14.07
CA SER B 11 -6.78 -21.30 12.85
C SER B 11 -5.31 -21.29 12.52
N GLY B 12 -4.45 -21.86 13.39
CA GLY B 12 -3.01 -21.63 13.24
C GLY B 12 -2.46 -22.00 11.88
N LYS B 13 -2.95 -23.09 11.28
CA LYS B 13 -2.39 -23.49 9.98
C LYS B 13 -2.75 -22.47 8.91
N VAL B 14 -3.90 -21.83 9.02
CA VAL B 14 -4.28 -20.83 8.02
C VAL B 14 -3.62 -19.49 8.27
N GLU B 15 -3.40 -19.13 9.56
CA GLU B 15 -2.78 -17.85 9.88
C GLU B 15 -1.44 -17.69 9.17
N GLY B 16 -0.66 -18.76 9.09
CA GLY B 16 0.64 -18.61 8.46
C GLY B 16 0.64 -18.50 6.96
N CYS B 17 -0.53 -18.47 6.34
CA CYS B 17 -0.71 -18.34 4.89
C CYS B 17 -1.31 -17.00 4.49
N MET B 18 -1.60 -16.11 5.44
CA MET B 18 -2.34 -14.92 5.11
C MET B 18 -1.33 -13.82 4.78
N VAL B 19 -1.55 -13.10 3.68
CA VAL B 19 -0.67 -12.00 3.27
C VAL B 19 -1.52 -10.79 2.91
N GLN B 20 -0.82 -9.67 2.78
CA GLN B 20 -1.48 -8.43 2.35
C GLN B 20 -1.15 -8.21 0.87
N VAL B 21 -2.16 -7.87 0.09
CA VAL B 21 -1.96 -7.59 -1.33
C VAL B 21 -2.43 -6.17 -1.62
N THR B 22 -1.55 -5.38 -2.23
CA THR B 22 -1.87 -4.00 -2.60
C THR B 22 -1.61 -3.83 -4.09
N CYS B 23 -2.58 -3.25 -4.80
CA CYS B 23 -2.40 -2.91 -6.21
C CYS B 23 -2.89 -1.49 -6.37
N GLY B 24 -1.99 -0.56 -6.64
CA GLY B 24 -2.37 0.84 -6.63
C GLY B 24 -2.70 1.28 -5.23
N THR B 25 -3.89 1.80 -5.00
CA THR B 25 -4.34 2.12 -3.65
C THR B 25 -5.36 1.12 -3.12
N THR B 26 -5.68 0.07 -3.88
CA THR B 26 -6.60 -0.98 -3.42
C THR B 26 -5.79 -2.01 -2.63
N THR B 27 -6.18 -2.27 -1.39
CA THR B 27 -5.52 -3.27 -0.54
C THR B 27 -6.55 -4.28 -0.06
N LEU B 28 -6.12 -5.55 0.06
CA LEU B 28 -6.98 -6.58 0.64
C LEU B 28 -6.09 -7.76 1.01
N ASN B 29 -6.72 -8.87 1.39
CA ASN B 29 -6.02 -10.05 1.89
C ASN B 29 -5.78 -11.03 0.76
N GLY B 30 -4.66 -11.79 0.86
CA GLY B 30 -4.42 -12.88 -0.06
C GLY B 30 -4.03 -14.14 0.70
N LEU B 31 -4.13 -15.27 0.01
CA LEU B 31 -3.79 -16.57 0.59
C LEU B 31 -2.58 -17.13 -0.16
N TRP B 32 -1.51 -17.44 0.58
CA TRP B 32 -0.18 -17.76 0.04
C TRP B 32 0.06 -19.24 0.29
N LEU B 33 -0.02 -20.04 -0.76
CA LEU B 33 0.25 -21.46 -0.71
C LEU B 33 1.29 -21.79 -1.77
N ASP B 34 2.30 -22.56 -1.40
CA ASP B 34 3.42 -22.83 -2.33
C ASP B 34 3.93 -21.47 -2.80
N ASP B 35 4.14 -21.26 -4.10
CA ASP B 35 4.61 -19.99 -4.65
C ASP B 35 3.50 -19.19 -5.32
N VAL B 36 2.24 -19.38 -4.90
CA VAL B 36 1.12 -18.63 -5.48
C VAL B 36 0.36 -17.89 -4.38
N VAL B 37 -0.03 -16.65 -4.66
CA VAL B 37 -0.92 -15.90 -3.79
C VAL B 37 -2.27 -15.79 -4.49
N TYR B 38 -3.34 -16.31 -3.85
CA TYR B 38 -4.70 -16.21 -4.36
C TYR B 38 -5.39 -15.00 -3.75
N CYS B 39 -6.08 -14.19 -4.57
CA CYS B 39 -6.84 -13.09 -3.97
C CYS B 39 -7.98 -12.71 -4.91
N PRO B 40 -8.98 -11.96 -4.42
CA PRO B 40 -10.05 -11.50 -5.32
C PRO B 40 -9.50 -10.67 -6.47
N ARG B 41 -10.05 -10.88 -7.68
CA ARG B 41 -9.49 -10.13 -8.81
C ARG B 41 -9.87 -8.67 -8.75
N HIS B 42 -10.89 -8.29 -7.98
CA HIS B 42 -11.26 -6.89 -7.81
CA HIS B 42 -11.16 -6.87 -8.09
C HIS B 42 -10.09 -6.02 -7.40
N VAL B 43 -9.02 -6.62 -6.86
CA VAL B 43 -7.87 -5.85 -6.40
C VAL B 43 -7.26 -5.01 -7.53
N ILE B 44 -7.49 -5.37 -8.81
CA ILE B 44 -6.88 -4.62 -9.91
C ILE B 44 -7.76 -3.46 -10.36
N CYS B 45 -8.94 -3.31 -9.78
CA CYS B 45 -9.80 -2.16 -10.03
C CYS B 45 -9.40 -0.96 -9.18
N THR B 46 -9.33 0.21 -9.82
CA THR B 46 -9.42 1.45 -9.08
C THR B 46 -10.89 1.73 -8.78
N SER B 47 -11.15 2.76 -7.98
CA SER B 47 -12.50 2.94 -7.44
C SER B 47 -13.54 3.25 -8.54
N GLU B 48 -13.12 3.80 -9.68
CA GLU B 48 -14.04 3.99 -10.79
C GLU B 48 -14.17 2.73 -11.63
N ASP B 49 -13.12 1.90 -11.64
CA ASP B 49 -13.23 0.60 -12.30
C ASP B 49 -14.23 -0.31 -11.57
N MET B 50 -14.28 -0.23 -10.23
CA MET B 50 -15.07 -1.19 -9.46
C MET B 50 -16.55 -1.15 -9.81
N LEU B 51 -16.98 -0.23 -10.67
CA LEU B 51 -18.34 -0.17 -11.15
C LEU B 51 -18.60 -1.24 -12.21
N ASN B 52 -18.18 -0.97 -13.46
CA ASN B 52 -18.32 -1.90 -14.58
C ASN B 52 -16.93 -2.25 -15.08
N PRO B 53 -16.21 -3.14 -14.40
CA PRO B 53 -14.80 -3.35 -14.75
C PRO B 53 -14.65 -4.25 -15.98
N ASN B 54 -13.65 -3.95 -16.78
CA ASN B 54 -13.29 -4.85 -17.86
C ASN B 54 -12.02 -5.56 -17.39
N TYR B 55 -12.19 -6.76 -16.81
CA TYR B 55 -11.06 -7.40 -16.11
C TYR B 55 -10.00 -7.89 -17.06
N GLU B 56 -10.38 -8.31 -18.28
CA GLU B 56 -9.37 -8.73 -19.23
C GLU B 56 -8.43 -7.58 -19.56
N ASP B 57 -8.99 -6.39 -19.77
CA ASP B 57 -8.20 -5.20 -20.05
C ASP B 57 -7.34 -4.83 -18.85
N LEU B 58 -7.94 -4.82 -17.66
CA LEU B 58 -7.19 -4.45 -16.46
C LEU B 58 -5.99 -5.37 -16.24
N LEU B 59 -6.20 -6.68 -16.41
CA LEU B 59 -5.10 -7.63 -16.20
C LEU B 59 -3.87 -7.24 -17.02
N ILE B 60 -4.11 -6.78 -18.25
CA ILE B 60 -3.06 -6.36 -19.17
C ILE B 60 -2.43 -5.06 -18.71
N ARG B 61 -3.25 -4.14 -18.21
CA ARG B 61 -2.74 -2.84 -17.78
C ARG B 61 -1.79 -2.96 -16.61
N LYS B 62 -2.05 -3.87 -15.70
CA LYS B 62 -1.19 -4.04 -14.53
C LYS B 62 0.03 -4.89 -14.87
N SER B 63 1.20 -4.39 -14.54
CA SER B 63 2.39 -5.22 -14.60
C SER B 63 2.66 -5.81 -13.22
N ASN B 64 3.58 -6.80 -13.20
CA ASN B 64 3.96 -7.44 -11.95
C ASN B 64 4.38 -6.43 -10.90
N HIS B 65 5.12 -5.39 -11.30
CA HIS B 65 5.58 -4.44 -10.29
CA HIS B 65 5.60 -4.39 -10.36
C HIS B 65 4.46 -3.56 -9.77
N ASN B 66 3.27 -3.60 -10.36
CA ASN B 66 2.16 -2.87 -9.77
C ASN B 66 1.62 -3.53 -8.50
N PHE B 67 2.03 -4.76 -8.19
CA PHE B 67 1.55 -5.49 -7.03
C PHE B 67 2.58 -5.46 -5.92
N LEU B 68 2.15 -5.11 -4.72
CA LEU B 68 2.99 -5.18 -3.52
C LEU B 68 2.36 -6.21 -2.59
N VAL B 69 3.06 -7.31 -2.34
CA VAL B 69 2.59 -8.38 -1.47
C VAL B 69 3.51 -8.42 -0.26
N GLN B 70 2.94 -8.35 0.95
CA GLN B 70 3.75 -8.45 2.16
C GLN B 70 3.25 -9.53 3.09
N ALA B 71 4.20 -10.29 3.61
CA ALA B 71 3.97 -11.28 4.66
C ALA B 71 4.74 -10.80 5.88
N GLY B 72 4.09 -10.03 6.75
CA GLY B 72 4.82 -9.36 7.82
C GLY B 72 5.76 -8.33 7.22
N ASN B 73 7.02 -8.35 7.66
CA ASN B 73 8.05 -7.45 7.14
C ASN B 73 8.72 -7.98 5.87
N VAL B 74 8.25 -9.12 5.37
CA VAL B 74 8.81 -9.75 4.19
C VAL B 74 7.99 -9.32 2.98
N GLN B 75 8.66 -8.81 1.96
CA GLN B 75 7.99 -8.44 0.73
C GLN B 75 8.16 -9.60 -0.25
N LEU B 76 7.08 -10.03 -0.88
CA LEU B 76 7.13 -11.10 -1.86
C LEU B 76 7.07 -10.49 -3.25
N ARG B 77 8.05 -10.82 -4.09
CA ARG B 77 8.10 -10.25 -5.42
C ARG B 77 7.21 -11.03 -6.38
N VAL B 78 6.30 -10.33 -7.05
CA VAL B 78 5.38 -10.96 -8.00
C VAL B 78 6.10 -11.12 -9.33
N ILE B 79 6.17 -12.36 -9.84
CA ILE B 79 6.81 -12.64 -11.12
C ILE B 79 5.83 -13.09 -12.20
N GLY B 80 4.54 -13.22 -11.88
CA GLY B 80 3.54 -13.49 -12.90
C GLY B 80 2.17 -13.27 -12.28
N HIS B 81 1.19 -13.00 -13.13
CA HIS B 81 -0.17 -12.86 -12.64
C HIS B 81 -1.13 -13.37 -13.71
N SER B 82 -2.16 -14.09 -13.29
CA SER B 82 -3.15 -14.58 -14.22
C SER B 82 -4.46 -14.67 -13.47
N MET B 83 -5.54 -14.86 -14.22
CA MET B 83 -6.87 -14.84 -13.60
C MET B 83 -7.55 -16.17 -13.83
N GLN B 84 -8.15 -16.72 -12.79
CA GLN B 84 -8.88 -17.96 -12.92
C GLN B 84 -10.29 -17.64 -12.46
N ASN B 85 -11.22 -17.50 -13.41
CA ASN B 85 -12.56 -17.07 -13.06
C ASN B 85 -12.45 -15.76 -12.29
N CYS B 86 -12.99 -15.67 -11.06
CA CYS B 86 -12.95 -14.42 -10.30
C CYS B 86 -11.81 -14.32 -9.29
N VAL B 87 -10.81 -15.18 -9.34
CA VAL B 87 -9.68 -15.04 -8.44
CA VAL B 87 -9.67 -15.10 -8.45
C VAL B 87 -8.43 -14.74 -9.26
N LEU B 88 -7.57 -13.90 -8.70
CA LEU B 88 -6.26 -13.60 -9.26
C LEU B 88 -5.23 -14.54 -8.64
N LYS B 89 -4.32 -15.06 -9.46
CA LYS B 89 -3.25 -15.94 -9.00
C LYS B 89 -1.95 -15.20 -9.27
N LEU B 90 -1.30 -14.74 -8.21
CA LEU B 90 -0.02 -14.06 -8.32
C LEU B 90 1.11 -15.06 -8.07
N LYS B 91 1.94 -15.31 -9.07
CA LYS B 91 3.12 -16.15 -8.85
C LYS B 91 4.20 -15.31 -8.20
N VAL B 92 4.76 -15.79 -7.09
CA VAL B 92 5.76 -15.03 -6.35
C VAL B 92 7.10 -15.77 -6.41
N ASP B 93 8.18 -15.09 -6.01
CA ASP B 93 9.51 -15.66 -6.23
C ASP B 93 9.99 -16.58 -5.11
N THR B 94 9.09 -17.07 -4.26
CA THR B 94 9.47 -18.01 -3.21
C THR B 94 8.24 -18.77 -2.72
N ALA B 95 8.46 -19.98 -2.21
CA ALA B 95 7.39 -20.86 -1.76
C ALA B 95 7.18 -20.70 -0.26
N ASN B 96 5.94 -20.68 0.16
CA ASN B 96 5.65 -20.46 1.58
C ASN B 96 6.10 -21.68 2.36
N PRO B 97 7.12 -21.59 3.22
CA PRO B 97 7.55 -22.80 3.96
C PRO B 97 6.50 -23.30 4.96
N LYS B 98 5.51 -22.48 5.30
CA LYS B 98 4.44 -22.91 6.20
C LYS B 98 3.21 -23.42 5.45
N THR B 99 3.34 -23.78 4.19
CA THR B 99 2.20 -24.30 3.46
C THR B 99 1.74 -25.58 4.14
N PRO B 100 0.48 -25.71 4.55
CA PRO B 100 0.02 -26.96 5.15
C PRO B 100 -0.41 -27.92 4.04
N LYS B 101 -0.75 -29.14 4.45
CA LYS B 101 -1.49 -30.01 3.55
C LYS B 101 -2.82 -29.34 3.25
N TYR B 102 -3.22 -29.28 1.98
CA TYR B 102 -4.48 -28.60 1.69
C TYR B 102 -5.15 -29.19 0.48
N LYS B 103 -6.44 -28.86 0.34
CA LYS B 103 -7.16 -29.07 -0.90
C LYS B 103 -8.23 -28.00 -1.01
N PHE B 104 -8.71 -27.81 -2.24
CA PHE B 104 -9.82 -26.89 -2.49
C PHE B 104 -11.10 -27.70 -2.69
N VAL B 105 -12.15 -27.37 -1.94
CA VAL B 105 -13.44 -28.04 -2.09
C VAL B 105 -14.53 -27.00 -2.21
N ARG B 106 -15.63 -27.40 -2.83
CA ARG B 106 -16.80 -26.53 -2.95
C ARG B 106 -17.90 -27.09 -2.06
N ILE B 107 -18.45 -26.23 -1.22
CA ILE B 107 -19.44 -26.68 -0.25
C ILE B 107 -20.84 -26.26 -0.70
N GLN B 108 -21.82 -26.53 0.14
CA GLN B 108 -23.23 -26.30 -0.17
C GLN B 108 -23.90 -25.50 0.93
N PRO B 109 -25.02 -24.85 0.62
CA PRO B 109 -25.81 -24.20 1.67
C PRO B 109 -26.10 -25.17 2.81
N GLY B 110 -26.05 -24.67 4.03
CA GLY B 110 -26.28 -25.49 5.20
C GLY B 110 -25.05 -26.15 5.79
N GLN B 111 -23.93 -26.21 5.07
CA GLN B 111 -22.69 -26.74 5.63
C GLN B 111 -21.92 -25.66 6.37
N THR B 112 -21.36 -26.01 7.52
CA THR B 112 -20.61 -25.02 8.27
C THR B 112 -19.14 -25.04 7.84
N PHE B 113 -18.48 -23.91 8.02
CA PHE B 113 -17.05 -23.82 7.87
C PHE B 113 -16.56 -22.74 8.82
N SER B 114 -15.25 -22.69 9.02
CA SER B 114 -14.64 -21.64 9.82
C SER B 114 -14.10 -20.54 8.91
N VAL B 115 -14.23 -19.29 9.34
CA VAL B 115 -13.71 -18.14 8.59
C VAL B 115 -12.68 -17.46 9.47
N LEU B 116 -11.50 -17.20 8.90
CA LEU B 116 -10.47 -16.42 9.57
C LEU B 116 -10.57 -14.99 9.02
N ALA B 117 -11.26 -14.12 9.75
CA ALA B 117 -11.37 -12.74 9.30
C ALA B 117 -10.03 -12.04 9.45
N CYS B 118 -9.59 -11.35 8.40
CA CYS B 118 -8.32 -10.64 8.41
C CYS B 118 -8.51 -9.24 7.90
N TYR B 119 -7.64 -8.34 8.35
CA TYR B 119 -7.61 -6.96 7.90
C TYR B 119 -6.18 -6.61 7.56
N ASN B 120 -5.98 -6.09 6.37
CA ASN B 120 -4.65 -5.68 5.93
C ASN B 120 -3.65 -6.81 6.11
N GLY B 121 -4.11 -8.03 5.85
CA GLY B 121 -3.26 -9.20 5.92
C GLY B 121 -3.04 -9.75 7.32
N SER B 122 -3.65 -9.15 8.36
CA SER B 122 -3.41 -9.76 9.66
C SER B 122 -4.67 -10.40 10.26
N PRO B 123 -4.51 -11.60 10.79
CA PRO B 123 -5.65 -12.32 11.39
C PRO B 123 -6.28 -11.54 12.54
N SER B 124 -7.60 -11.46 12.52
CA SER B 124 -8.30 -10.71 13.54
C SER B 124 -9.22 -11.57 14.38
N GLY B 125 -9.90 -12.54 13.79
CA GLY B 125 -10.77 -13.40 14.57
C GLY B 125 -11.16 -14.61 13.76
N VAL B 126 -11.61 -15.64 14.43
CA VAL B 126 -12.06 -16.86 13.78
CA VAL B 126 -12.06 -16.88 13.80
C VAL B 126 -13.51 -17.11 14.18
N TYR B 127 -14.32 -17.52 13.22
CA TYR B 127 -15.78 -17.61 13.38
C TYR B 127 -16.26 -18.81 12.61
N GLN B 128 -17.30 -19.45 13.13
CA GLN B 128 -18.03 -20.49 12.42
C GLN B 128 -19.20 -19.84 11.69
N CYS B 129 -19.38 -20.15 10.41
CA CYS B 129 -20.51 -19.64 9.63
CA CYS B 129 -20.61 -19.70 9.78
C CYS B 129 -21.12 -20.79 8.87
N ALA B 130 -22.22 -20.49 8.20
CA ALA B 130 -22.82 -21.47 7.31
C ALA B 130 -23.39 -20.67 6.17
N MET B 131 -23.34 -21.29 5.01
CA MET B 131 -23.93 -20.67 3.83
CA MET B 131 -23.93 -20.71 3.82
C MET B 131 -25.45 -20.82 3.90
N ARG B 132 -26.13 -19.70 3.76
CA ARG B 132 -27.58 -19.60 3.72
C ARG B 132 -28.08 -20.07 2.36
N PRO B 133 -29.36 -20.48 2.24
CA PRO B 133 -29.82 -21.11 0.99
C PRO B 133 -29.71 -20.22 -0.25
N ASN B 134 -29.66 -18.90 -0.11
CA ASN B 134 -29.41 -18.06 -1.27
C ASN B 134 -27.92 -17.81 -1.48
N PHE B 135 -27.06 -18.69 -0.94
CA PHE B 135 -25.60 -18.67 -1.11
C PHE B 135 -24.94 -17.44 -0.50
N THR B 136 -25.56 -16.81 0.49
CA THR B 136 -24.91 -15.72 1.20
C THR B 136 -24.56 -16.18 2.62
N ILE B 137 -23.70 -15.44 3.30
CA ILE B 137 -23.40 -15.71 4.71
C ILE B 137 -23.67 -14.43 5.49
N LYS B 138 -24.27 -14.61 6.67
CA LYS B 138 -24.60 -13.48 7.54
C LYS B 138 -23.53 -13.37 8.62
N GLY B 139 -22.32 -13.03 8.16
N GLY B 139 -22.33 -13.07 8.16
CA GLY B 139 -21.12 -13.13 8.97
CA GLY B 139 -21.30 -12.60 9.05
C GLY B 139 -20.71 -11.85 9.67
C GLY B 139 -21.45 -11.11 9.27
N SER B 140 -19.42 -11.77 9.99
N SER B 140 -20.48 -10.56 9.99
CA SER B 140 -18.81 -10.70 10.79
CA SER B 140 -20.29 -9.12 10.05
C SER B 140 -17.61 -10.10 10.07
C SER B 140 -18.82 -8.80 9.82
N PHE B 141 -17.82 -9.68 8.83
N PHE B 141 -18.27 -9.38 8.75
CA PHE B 141 -16.83 -8.93 8.07
CA PHE B 141 -17.07 -8.83 8.14
C PHE B 141 -17.14 -7.44 8.11
C PHE B 141 -17.19 -7.33 8.02
N LEU B 142 -16.10 -6.64 8.24
CA LEU B 142 -16.12 -5.21 8.08
C LEU B 142 -15.37 -4.87 6.80
N ASN B 143 -15.25 -3.58 6.54
CA ASN B 143 -14.44 -3.15 5.41
C ASN B 143 -13.01 -3.64 5.58
N GLY B 144 -12.41 -4.10 4.48
CA GLY B 144 -11.06 -4.62 4.51
C GLY B 144 -10.95 -6.11 4.72
N SER B 145 -12.06 -6.79 5.02
CA SER B 145 -12.00 -8.23 5.18
C SER B 145 -11.95 -8.96 3.85
N CYS B 146 -12.09 -8.23 2.74
CA CYS B 146 -12.06 -8.84 1.41
CA CYS B 146 -12.05 -8.82 1.40
C CYS B 146 -10.86 -9.75 1.26
N GLY B 147 -11.09 -10.95 0.75
CA GLY B 147 -10.01 -11.89 0.62
C GLY B 147 -9.79 -12.81 1.84
N SER B 148 -10.50 -12.61 2.96
CA SER B 148 -10.47 -13.59 4.06
C SER B 148 -11.00 -14.94 3.57
N VAL B 149 -10.56 -16.03 4.19
CA VAL B 149 -10.90 -17.35 3.66
C VAL B 149 -11.66 -18.17 4.69
N GLY B 150 -12.40 -19.13 4.16
CA GLY B 150 -13.11 -20.10 4.98
C GLY B 150 -12.58 -21.48 4.70
N PHE B 151 -12.69 -22.35 5.71
CA PHE B 151 -11.97 -23.61 5.66
C PHE B 151 -12.59 -24.57 6.66
N ASN B 152 -12.37 -25.86 6.41
CA ASN B 152 -12.56 -26.89 7.42
C ASN B 152 -11.25 -27.62 7.59
N ILE B 153 -11.10 -28.31 8.71
CA ILE B 153 -9.92 -29.14 8.94
C ILE B 153 -10.36 -30.60 8.94
N ASP B 154 -9.84 -31.36 8.01
CA ASP B 154 -10.15 -32.79 7.83
C ASP B 154 -8.85 -33.49 8.22
N TYR B 155 -8.76 -33.87 9.51
CA TYR B 155 -7.57 -34.52 10.07
C TYR B 155 -6.39 -33.54 10.08
N ASP B 156 -5.35 -33.78 9.30
CA ASP B 156 -4.24 -32.83 9.23
C ASP B 156 -4.26 -31.98 7.96
N CYS B 157 -5.37 -32.00 7.22
CA CYS B 157 -5.48 -31.32 5.95
C CYS B 157 -6.44 -30.14 6.07
N VAL B 158 -6.05 -28.99 5.50
CA VAL B 158 -6.92 -27.82 5.51
C VAL B 158 -7.70 -27.86 4.21
N SER B 159 -9.03 -27.91 4.29
CA SER B 159 -9.88 -27.87 3.10
C SER B 159 -10.39 -26.44 2.97
N PHE B 160 -9.82 -25.69 2.04
CA PHE B 160 -10.28 -24.34 1.78
C PHE B 160 -11.55 -24.35 0.94
N CYS B 161 -12.60 -23.67 1.41
CA CYS B 161 -13.86 -23.71 0.69
C CYS B 161 -14.43 -22.35 0.34
N TYR B 162 -13.87 -21.26 0.83
CA TYR B 162 -14.53 -19.98 0.64
C TYR B 162 -13.49 -18.87 0.62
N MET B 163 -13.70 -17.88 -0.26
CA MET B 163 -12.92 -16.64 -0.16
C MET B 163 -13.90 -15.48 -0.26
N HIS B 164 -13.79 -14.56 0.67
CA HIS B 164 -14.74 -13.47 0.77
C HIS B 164 -14.47 -12.42 -0.31
N HIS B 165 -15.51 -12.02 -1.07
CA HIS B 165 -15.32 -10.92 -2.01
C HIS B 165 -16.03 -9.64 -1.60
N MET B 166 -17.29 -9.70 -1.19
CA MET B 166 -18.01 -8.43 -1.11
C MET B 166 -19.19 -8.50 -0.15
N GLU B 167 -19.54 -7.34 0.40
CA GLU B 167 -20.80 -7.17 1.13
C GLU B 167 -21.91 -6.69 0.21
N LEU B 168 -23.02 -7.39 0.22
CA LEU B 168 -24.15 -6.99 -0.60
C LEU B 168 -24.92 -5.87 0.08
N PRO B 169 -25.73 -5.11 -0.70
CA PRO B 169 -26.53 -4.02 -0.13
C PRO B 169 -27.25 -4.38 1.16
N THR B 170 -27.84 -5.58 1.21
CA THR B 170 -28.59 -6.05 2.39
C THR B 170 -27.70 -6.45 3.60
N GLY B 171 -26.39 -6.18 3.68
CA GLY B 171 -25.62 -6.56 4.86
C GLY B 171 -25.22 -8.03 4.92
N VAL B 172 -25.40 -8.78 3.84
CA VAL B 172 -24.91 -10.15 3.78
C VAL B 172 -23.64 -10.18 2.91
N HIS B 173 -23.01 -11.35 2.79
CA HIS B 173 -21.71 -11.42 2.14
C HIS B 173 -21.68 -12.50 1.08
N ALA B 174 -20.82 -12.29 0.08
CA ALA B 174 -20.79 -13.15 -1.09
C ALA B 174 -19.34 -13.42 -1.42
N GLY B 175 -19.04 -14.64 -1.86
CA GLY B 175 -17.68 -14.97 -2.24
C GLY B 175 -17.61 -16.14 -3.17
N THR B 176 -16.38 -16.61 -3.40
CA THR B 176 -16.10 -17.67 -4.34
C THR B 176 -15.54 -18.89 -3.62
N ASP B 177 -15.43 -19.99 -4.35
CA ASP B 177 -14.55 -21.04 -3.88
C ASP B 177 -13.13 -20.64 -4.27
N LEU B 178 -12.18 -21.52 -4.03
CA LEU B 178 -10.81 -21.17 -4.34
C LEU B 178 -10.45 -21.43 -5.78
N GLU B 179 -11.40 -21.95 -6.58
CA GLU B 179 -11.24 -21.94 -8.04
C GLU B 179 -11.79 -20.68 -8.68
N GLY B 180 -12.35 -19.78 -7.88
CA GLY B 180 -12.80 -18.50 -8.35
C GLY B 180 -14.22 -18.43 -8.84
N ASN B 181 -15.03 -19.47 -8.57
CA ASN B 181 -16.43 -19.49 -8.99
C ASN B 181 -17.29 -19.00 -7.85
N PHE B 182 -18.11 -17.98 -8.12
CA PHE B 182 -18.95 -17.47 -7.05
C PHE B 182 -19.88 -18.56 -6.55
N TYR B 183 -20.15 -18.53 -5.26
CA TYR B 183 -21.31 -19.22 -4.73
C TYR B 183 -22.55 -18.41 -5.11
N GLY B 184 -23.45 -18.99 -5.90
CA GLY B 184 -24.66 -18.28 -6.25
C GLY B 184 -24.51 -17.41 -7.48
N PRO B 185 -25.55 -16.60 -7.77
CA PRO B 185 -25.57 -15.83 -9.02
C PRO B 185 -24.80 -14.52 -8.99
N PHE B 186 -23.95 -14.25 -7.99
CA PHE B 186 -23.37 -12.92 -7.90
C PHE B 186 -22.18 -12.77 -8.84
N VAL B 187 -21.84 -11.51 -9.13
CA VAL B 187 -20.74 -11.13 -10.00
C VAL B 187 -19.96 -10.01 -9.33
N ASP B 188 -18.66 -9.91 -9.64
CA ASP B 188 -17.77 -9.00 -8.90
C ASP B 188 -17.67 -7.66 -9.64
N ARG B 189 -18.84 -7.02 -9.71
CA ARG B 189 -18.97 -5.65 -10.18
C ARG B 189 -19.98 -4.98 -9.26
N GLN B 190 -19.67 -3.78 -8.79
CA GLN B 190 -20.55 -3.01 -7.92
C GLN B 190 -21.75 -2.57 -8.75
N THR B 191 -22.72 -3.48 -8.89
CA THR B 191 -23.89 -3.28 -9.75
C THR B 191 -25.17 -3.78 -9.06
#